data_3DUP
#
_entry.id   3DUP
#
_cell.length_a   115.320
_cell.length_b   115.320
_cell.length_c   115.935
_cell.angle_alpha   90.00
_cell.angle_beta   90.00
_cell.angle_gamma   120.00
#
_symmetry.space_group_name_H-M   'P 61'
#
loop_
_entity.id
_entity.type
_entity.pdbx_description
1 polymer 'MutT/nudix family protein'
2 non-polymer 'PHOSPHATE ION'
3 non-polymer GLYCEROL
4 water water
#
_entity_poly.entity_id   1
_entity_poly.type   'polypeptide(L)'
_entity_poly.pdbx_seq_one_letter_code
;(MSE)SLSFLKHVQDCNTHDLSNFVRFVIEGRRVGWVRKALAQRLKAHGRVFDVTRDAVLLSASLRTPQSRTRAVADVVD
RLADEGVVPAPRGELYRVNQSWGEPTL(MSE)LLDRAVVPTFGVRAYGVHLNGYVGAGADLHLWIGRRSPDKSVAPGKLD
N(MSE)VAGGQPADLSLRQNLIKECAEEADLPEALARQAIPVGAITYC(MSE)ESPAGIKPDTLFLYDLALPEDFRPHNT
DGE(MSE)ADF(MSE)LWPAAKVVEAVRTTEAFKFNVNLTVIDFAIRHGLIDPDNEPDYQEILAGLRGRPRERAASEGHH
HHHH
;
_entity_poly.pdbx_strand_id   A,B
#
# COMPACT_ATOMS: atom_id res chain seq x y z
N SER A 2 7.11 23.63 14.45
CA SER A 2 8.56 23.22 14.46
C SER A 2 8.87 22.06 13.51
N LEU A 3 8.63 22.33 12.22
CA LEU A 3 9.23 21.58 11.14
C LEU A 3 10.58 22.23 10.90
N SER A 4 11.52 21.49 10.31
CA SER A 4 12.86 21.98 10.05
C SER A 4 13.49 21.07 9.03
N PHE A 5 14.63 21.50 8.49
CA PHE A 5 15.41 20.62 7.60
C PHE A 5 15.76 19.32 8.31
N LEU A 6 16.24 19.45 9.55
CA LEU A 6 16.70 18.31 10.32
C LEU A 6 15.59 17.28 10.56
N LYS A 7 14.40 17.78 10.91
CA LYS A 7 13.26 16.89 11.17
C LYS A 7 12.93 16.06 9.93
N HIS A 8 12.99 16.66 8.73
CA HIS A 8 12.77 15.90 7.47
C HIS A 8 13.79 14.75 7.32
N VAL A 9 15.05 15.07 7.60
CA VAL A 9 16.13 14.11 7.50
C VAL A 9 15.93 13.00 8.51
N GLN A 10 15.56 13.37 9.74
CA GLN A 10 15.28 12.40 10.81
C GLN A 10 14.09 11.49 10.48
N ASP A 11 13.03 12.08 9.90
CA ASP A 11 11.83 11.36 9.49
C ASP A 11 12.23 10.25 8.50
N CYS A 12 13.07 10.59 7.51
CA CYS A 12 13.52 9.64 6.50
C CYS A 12 14.53 8.58 6.98
N ASN A 13 14.99 8.71 8.22
CA ASN A 13 15.92 7.76 8.79
C ASN A 13 15.40 7.10 10.03
N THR A 14 14.07 7.13 10.19
CA THR A 14 13.47 6.49 11.34
C THR A 14 13.10 5.06 11.01
N HIS A 15 13.69 4.11 11.71
CA HIS A 15 13.38 2.70 11.54
C HIS A 15 13.69 1.93 12.82
N ASP A 16 13.07 0.78 12.94
CA ASP A 16 13.28 -0.07 14.10
C ASP A 16 13.35 -1.46 13.51
N LEU A 17 14.54 -2.05 13.56
CA LEU A 17 14.79 -3.36 12.94
C LEU A 17 14.47 -4.56 13.85
N SER A 18 13.95 -4.27 15.06
CA SER A 18 13.81 -5.29 16.10
C SER A 18 12.78 -6.36 15.76
N ASN A 19 11.77 -5.99 14.96
CA ASN A 19 10.77 -6.98 14.54
C ASN A 19 11.08 -7.64 13.19
N PHE A 20 12.31 -7.47 12.71
CA PHE A 20 12.76 -7.95 11.41
C PHE A 20 13.94 -8.91 11.50
N VAL A 21 14.06 -9.78 10.48
CA VAL A 21 15.23 -10.65 10.31
C VAL A 21 15.89 -10.36 8.97
N ARG A 22 17.20 -10.59 8.94
CA ARG A 22 18.01 -10.38 7.74
CA ARG A 22 18.04 -10.42 7.74
C ARG A 22 17.54 -11.26 6.59
N PHE A 23 17.49 -10.68 5.40
CA PHE A 23 17.23 -11.45 4.19
C PHE A 23 18.57 -11.58 3.46
N VAL A 24 18.99 -12.83 3.27
CA VAL A 24 20.36 -13.16 2.83
C VAL A 24 20.39 -14.00 1.53
N ILE A 25 21.25 -13.60 0.61
CA ILE A 25 21.51 -14.37 -0.62
C ILE A 25 23.02 -14.64 -0.71
N GLU A 26 23.37 -15.93 -0.75
CA GLU A 26 24.77 -16.41 -0.82
C GLU A 26 25.66 -15.67 0.18
N GLY A 27 25.23 -15.60 1.43
CA GLY A 27 26.02 -14.99 2.51
C GLY A 27 26.02 -13.47 2.58
N ARG A 28 25.33 -12.82 1.64
CA ARG A 28 25.25 -11.36 1.61
C ARG A 28 23.86 -10.88 2.06
N ARG A 29 23.81 -9.98 3.04
CA ARG A 29 22.53 -9.40 3.47
C ARG A 29 21.99 -8.44 2.44
N VAL A 30 20.83 -8.73 1.88
CA VAL A 30 20.28 -7.82 0.86
C VAL A 30 18.91 -7.23 1.26
N GLY A 31 18.39 -7.65 2.42
CA GLY A 31 17.13 -7.09 2.90
C GLY A 31 16.80 -7.39 4.33
N TRP A 32 15.55 -7.10 4.68
CA TRP A 32 15.00 -7.28 6.03
C TRP A 32 13.56 -7.70 5.84
N VAL A 33 13.16 -8.76 6.53
CA VAL A 33 11.80 -9.32 6.40
C VAL A 33 11.19 -9.34 7.79
N ARG A 34 9.94 -8.88 7.90
CA ARG A 34 9.24 -8.87 9.20
C ARG A 34 9.15 -10.31 9.74
N LYS A 35 9.31 -10.49 11.04
CA LYS A 35 9.27 -11.84 11.63
C LYS A 35 8.03 -12.68 11.27
N ALA A 36 6.84 -12.08 11.34
CA ALA A 36 5.61 -12.83 10.94
C ALA A 36 5.63 -13.24 9.46
N LEU A 37 6.14 -12.37 8.60
CA LEU A 37 6.26 -12.72 7.19
C LEU A 37 7.27 -13.86 7.00
N ALA A 38 8.36 -13.86 7.77
CA ALA A 38 9.37 -14.92 7.71
C ALA A 38 8.71 -16.26 8.00
N GLN A 39 7.75 -16.26 8.94
CA GLN A 39 6.96 -17.46 9.25
C GLN A 39 6.12 -17.92 8.06
N ARG A 40 5.60 -16.98 7.28
CA ARG A 40 4.87 -17.31 6.05
CA ARG A 40 4.87 -17.33 6.07
C ARG A 40 5.81 -17.91 5.01
N LEU A 41 7.02 -17.37 4.91
CA LEU A 41 8.02 -17.81 3.95
C LEU A 41 8.54 -19.23 4.22
N LYS A 42 8.51 -19.58 5.48
CA LYS A 42 8.86 -20.88 5.95
C LYS A 42 8.10 -22.02 5.30
N ALA A 43 6.89 -21.75 4.88
CA ALA A 43 6.07 -22.73 4.22
C ALA A 43 6.58 -23.02 2.81
N HIS A 44 7.44 -22.14 2.32
CA HIS A 44 8.05 -22.36 1.05
C HIS A 44 9.51 -22.85 1.20
N GLY A 45 9.66 -23.99 1.84
CA GLY A 45 10.95 -24.52 2.17
C GLY A 45 11.90 -24.86 1.02
N ARG A 46 11.38 -24.93 -0.17
CA ARG A 46 12.19 -25.24 -1.34
C ARG A 46 12.88 -23.98 -1.87
N VAL A 47 12.45 -22.83 -1.38
CA VAL A 47 12.97 -21.54 -1.85
C VAL A 47 13.67 -20.79 -0.73
N PHE A 48 13.11 -20.87 0.48
CA PHE A 48 13.67 -20.14 1.65
C PHE A 48 14.04 -21.06 2.80
N ASP A 49 15.22 -20.86 3.38
CA ASP A 49 15.55 -21.46 4.68
C ASP A 49 15.35 -20.41 5.75
N VAL A 50 14.49 -20.69 6.73
CA VAL A 50 14.14 -19.68 7.74
C VAL A 50 14.60 -20.14 9.10
N THR A 51 15.45 -19.33 9.73
CA THR A 51 15.91 -19.59 11.10
C THR A 51 15.42 -18.45 11.99
N ARG A 52 15.80 -18.49 13.26
CA ARG A 52 15.44 -17.46 14.24
C ARG A 52 16.02 -16.08 13.88
N ASP A 53 17.16 -16.09 13.19
CA ASP A 53 17.89 -14.86 12.91
C ASP A 53 17.88 -14.44 11.43
N ALA A 54 17.42 -15.31 10.52
CA ALA A 54 17.57 -15.02 9.09
C ALA A 54 16.62 -15.78 8.17
N VAL A 55 16.31 -15.13 7.06
CA VAL A 55 15.68 -15.76 5.92
C VAL A 55 16.77 -15.90 4.85
N LEU A 56 17.11 -17.14 4.51
CA LEU A 56 18.14 -17.41 3.51
C LEU A 56 17.51 -17.95 2.25
N LEU A 57 17.87 -17.35 1.12
CA LEU A 57 17.44 -17.94 -0.16
C LEU A 57 18.19 -19.26 -0.36
N SER A 58 17.47 -20.28 -0.81
CA SER A 58 18.05 -21.62 -1.01
C SER A 58 19.30 -21.61 -1.91
N ALA A 59 20.32 -22.33 -1.48
CA ALA A 59 21.60 -22.40 -2.20
C ALA A 59 21.46 -23.16 -3.52
N SER A 60 20.37 -23.92 -3.66
CA SER A 60 20.04 -24.61 -4.90
C SER A 60 19.66 -23.66 -6.05
N LEU A 61 19.33 -22.41 -5.72
CA LEU A 61 19.01 -21.41 -6.73
C LEU A 61 20.32 -20.69 -7.06
N ARG A 62 20.94 -21.13 -8.15
CA ARG A 62 22.34 -20.85 -8.43
C ARG A 62 22.55 -19.64 -9.32
N THR A 63 21.49 -19.23 -10.04
CA THR A 63 21.59 -18.13 -10.99
C THR A 63 20.60 -17.02 -10.61
N PRO A 64 20.89 -15.77 -11.00
CA PRO A 64 19.88 -14.72 -10.78
C PRO A 64 18.51 -15.09 -11.40
N GLN A 65 18.50 -15.70 -12.59
CA GLN A 65 17.24 -16.05 -13.28
C GLN A 65 16.44 -17.07 -12.47
N SER A 66 17.13 -18.04 -11.87
CA SER A 66 16.44 -19.06 -11.09
C SER A 66 15.86 -18.46 -9.79
N ARG A 67 16.64 -17.61 -9.14
CA ARG A 67 16.17 -16.87 -7.97
C ARG A 67 14.95 -16.00 -8.19
N THR A 68 15.01 -15.18 -9.26
CA THR A 68 13.94 -14.29 -9.68
C THR A 68 12.64 -15.05 -9.92
N ARG A 69 12.72 -16.14 -10.70
CA ARG A 69 11.56 -17.00 -10.97
C ARG A 69 10.99 -17.66 -9.69
N ALA A 70 11.87 -18.19 -8.82
CA ALA A 70 11.43 -18.85 -7.60
C ALA A 70 10.69 -17.87 -6.68
N VAL A 71 11.30 -16.72 -6.43
CA VAL A 71 10.68 -15.72 -5.56
C VAL A 71 9.45 -15.05 -6.16
N ALA A 72 9.44 -14.86 -7.48
CA ALA A 72 8.29 -14.28 -8.15
C ALA A 72 7.04 -15.13 -7.92
N ASP A 73 7.21 -16.44 -7.99
CA ASP A 73 6.10 -17.40 -7.76
C ASP A 73 5.61 -17.33 -6.30
N VAL A 74 6.55 -17.28 -5.35
CA VAL A 74 6.20 -17.18 -3.94
C VAL A 74 5.40 -15.89 -3.66
N VAL A 75 5.91 -14.78 -4.17
CA VAL A 75 5.26 -13.46 -4.09
C VAL A 75 3.85 -13.51 -4.68
N ASP A 76 3.70 -14.12 -5.87
CA ASP A 76 2.41 -14.31 -6.52
C ASP A 76 1.42 -14.90 -5.56
N ARG A 77 1.83 -15.97 -4.89
CA ARG A 77 0.90 -16.74 -4.07
C ARG A 77 0.66 -16.08 -2.72
N LEU A 78 1.69 -15.50 -2.12
CA LEU A 78 1.50 -14.69 -0.92
C LEU A 78 0.57 -13.50 -1.16
N ALA A 79 0.69 -12.86 -2.32
CA ALA A 79 -0.20 -11.73 -2.67
C ALA A 79 -1.63 -12.23 -2.89
N ASP A 80 -1.78 -13.38 -3.58
CA ASP A 80 -3.10 -14.04 -3.72
C ASP A 80 -3.75 -14.25 -2.34
N GLU A 81 -2.93 -14.57 -1.34
CA GLU A 81 -3.40 -14.87 -0.01
C GLU A 81 -3.57 -13.61 0.89
N GLY A 82 -3.31 -12.43 0.32
CA GLY A 82 -3.45 -11.17 1.09
C GLY A 82 -2.26 -10.83 1.98
N VAL A 83 -1.15 -11.53 1.82
CA VAL A 83 0.00 -11.39 2.74
C VAL A 83 0.95 -10.22 2.36
N VAL A 84 1.16 -10.05 1.05
CA VAL A 84 2.09 -9.03 0.55
C VAL A 84 1.37 -8.28 -0.56
N PRO A 85 1.84 -7.07 -0.92
CA PRO A 85 1.28 -6.33 -2.02
C PRO A 85 1.34 -7.09 -3.32
N ALA A 86 0.38 -6.84 -4.20
CA ALA A 86 0.38 -7.48 -5.50
C ALA A 86 1.48 -6.92 -6.40
N PRO A 87 2.22 -7.82 -7.08
CA PRO A 87 3.19 -7.35 -8.10
C PRO A 87 2.49 -6.59 -9.22
N ARG A 88 3.13 -5.55 -9.72
CA ARG A 88 2.51 -4.69 -10.74
C ARG A 88 3.29 -4.67 -12.06
N GLY A 89 4.43 -5.36 -12.12
CA GLY A 89 5.14 -5.59 -13.37
C GLY A 89 6.45 -4.88 -13.61
N GLU A 90 6.79 -3.90 -12.78
CA GLU A 90 8.11 -3.25 -12.87
C GLU A 90 9.11 -3.98 -12.01
N LEU A 91 10.20 -4.49 -12.60
CA LEU A 91 11.16 -5.27 -11.82
C LEU A 91 12.34 -4.39 -11.40
N TYR A 92 12.79 -4.58 -10.16
CA TYR A 92 13.95 -3.86 -9.63
C TYR A 92 15.10 -4.83 -9.40
N ARG A 93 16.32 -4.33 -9.48
CA ARG A 93 17.49 -5.14 -9.21
C ARG A 93 17.69 -5.32 -7.70
N VAL A 94 18.12 -6.52 -7.32
CA VAL A 94 18.46 -6.80 -5.92
C VAL A 94 19.97 -6.95 -5.80
N ASN A 95 20.58 -6.07 -4.99
CA ASN A 95 22.03 -6.09 -4.78
C ASN A 95 22.38 -5.56 -3.39
N GLN A 96 23.67 -5.60 -3.05
CA GLN A 96 24.13 -5.07 -1.78
C GLN A 96 24.42 -3.59 -1.81
N SER A 97 24.70 -3.09 -3.00
CA SER A 97 24.85 -1.67 -3.29
C SER A 97 24.94 -1.51 -4.80
N TRP A 98 24.88 -0.26 -5.23
CA TRP A 98 24.69 0.08 -6.62
C TRP A 98 25.74 -0.53 -7.56
N GLY A 99 27.00 -0.48 -7.17
CA GLY A 99 28.06 -1.09 -8.01
C GLY A 99 28.07 -2.61 -8.15
N GLU A 100 27.51 -3.28 -7.13
CA GLU A 100 27.64 -4.72 -6.91
C GLU A 100 26.80 -5.55 -7.90
N PRO A 101 27.10 -6.86 -8.06
CA PRO A 101 26.32 -7.68 -9.01
C PRO A 101 24.82 -7.79 -8.69
N THR A 102 23.99 -7.79 -9.71
CA THR A 102 22.59 -8.06 -9.50
C THR A 102 22.42 -9.53 -9.16
N LEU A 103 21.90 -9.80 -7.99
CA LEU A 103 21.72 -11.13 -7.49
C LEU A 103 20.42 -11.80 -7.92
N LEU A 105 16.11 -10.35 -9.44
CA LEU A 105 15.13 -9.29 -9.64
C LEU A 105 13.89 -9.49 -8.77
N LEU A 106 13.26 -8.38 -8.43
CA LEU A 106 12.11 -8.38 -7.57
C LEU A 106 11.12 -7.31 -7.98
N ASP A 107 9.87 -7.66 -8.01
CA ASP A 107 8.86 -6.68 -8.42
C ASP A 107 8.90 -5.50 -7.44
N ARG A 108 8.88 -4.29 -7.99
CA ARG A 108 8.91 -3.03 -7.23
C ARG A 108 7.90 -3.05 -6.09
N ALA A 109 6.73 -3.64 -6.32
CA ALA A 109 5.65 -3.58 -5.34
C ALA A 109 5.98 -4.28 -4.03
N VAL A 110 6.93 -5.22 -4.07
CA VAL A 110 7.30 -5.98 -2.89
C VAL A 110 8.73 -5.66 -2.42
N VAL A 111 9.34 -4.67 -3.05
CA VAL A 111 10.72 -4.29 -2.65
C VAL A 111 10.75 -3.90 -1.13
N PRO A 112 9.85 -2.99 -0.67
CA PRO A 112 9.81 -2.74 0.80
C PRO A 112 9.43 -3.93 1.68
N THR A 113 8.61 -4.85 1.17
CA THR A 113 8.24 -6.09 1.88
C THR A 113 9.45 -6.96 2.20
N PHE A 114 10.46 -6.95 1.32
CA PHE A 114 11.69 -7.70 1.57
C PHE A 114 12.81 -6.81 2.10
N GLY A 115 12.50 -5.52 2.32
CA GLY A 115 13.49 -4.52 2.84
C GLY A 115 14.73 -4.35 1.98
N VAL A 116 14.54 -4.57 0.68
CA VAL A 116 15.60 -4.54 -0.32
C VAL A 116 15.92 -3.08 -0.71
N ARG A 117 17.20 -2.79 -0.93
CA ARG A 117 17.60 -1.45 -1.35
CA ARG A 117 17.63 -1.45 -1.37
C ARG A 117 16.99 -1.07 -2.69
N ALA A 118 16.41 0.13 -2.75
CA ALA A 118 15.77 0.65 -3.99
C ALA A 118 16.55 1.85 -4.50
N TYR A 119 16.48 2.07 -5.81
CA TYR A 119 17.23 3.16 -6.46
C TYR A 119 16.27 4.01 -7.25
N GLY A 120 16.65 5.27 -7.46
CA GLY A 120 15.78 6.15 -8.22
C GLY A 120 16.61 7.31 -8.72
N VAL A 121 16.05 8.04 -9.66
CA VAL A 121 16.71 9.20 -10.21
C VAL A 121 15.83 10.42 -10.00
N HIS A 122 16.46 11.53 -9.61
CA HIS A 122 15.78 12.81 -9.33
C HIS A 122 16.51 13.94 -10.00
N LEU A 123 15.75 14.72 -10.76
CA LEU A 123 16.29 15.83 -11.53
C LEU A 123 15.90 17.18 -10.95
N ASN A 124 16.91 18.04 -10.73
CA ASN A 124 16.72 19.45 -10.37
C ASN A 124 16.75 20.31 -11.64
N GLY A 125 15.57 20.67 -12.13
CA GLY A 125 15.45 21.52 -13.33
C GLY A 125 15.29 22.97 -12.93
N TYR A 126 16.26 23.78 -13.33
CA TYR A 126 16.33 25.17 -12.89
C TYR A 126 16.69 26.16 -14.02
N VAL A 127 16.39 27.45 -13.79
CA VAL A 127 16.72 28.53 -14.70
CA VAL A 127 16.65 28.55 -14.70
C VAL A 127 17.30 29.70 -13.91
N GLY A 128 18.20 30.45 -14.53
CA GLY A 128 18.78 31.63 -13.87
C GLY A 128 19.97 31.27 -13.00
N ALA A 129 20.51 32.28 -12.30
CA ALA A 129 21.63 32.11 -11.38
C ALA A 129 21.53 33.12 -10.26
N GLY A 130 22.24 32.86 -9.16
CA GLY A 130 22.30 33.77 -8.02
C GLY A 130 20.94 34.15 -7.49
N ALA A 131 20.68 35.45 -7.38
CA ALA A 131 19.41 35.97 -6.85
C ALA A 131 18.18 35.65 -7.72
N ASP A 132 18.41 35.25 -8.97
CA ASP A 132 17.33 34.99 -9.93
CA ASP A 132 17.30 34.97 -9.89
C ASP A 132 17.14 33.48 -10.21
N LEU A 133 17.72 32.64 -9.36
CA LEU A 133 17.61 31.18 -9.52
C LEU A 133 16.18 30.70 -9.27
N HIS A 134 15.61 30.03 -10.26
CA HIS A 134 14.26 29.49 -10.19
C HIS A 134 14.24 27.98 -10.43
N LEU A 135 13.41 27.25 -9.68
CA LEU A 135 13.27 25.82 -9.84
CA LEU A 135 13.25 25.81 -9.81
C LEU A 135 11.89 25.45 -10.37
N TRP A 136 11.87 24.52 -11.33
CA TRP A 136 10.61 23.91 -11.80
C TRP A 136 10.21 22.83 -10.81
N ILE A 137 9.00 22.92 -10.32
CA ILE A 137 8.46 21.98 -9.34
C ILE A 137 7.28 21.30 -10.01
N GLY A 138 7.16 19.98 -9.82
CA GLY A 138 5.97 19.30 -10.28
C GLY A 138 4.97 19.13 -9.15
N ARG A 139 3.68 19.07 -9.47
CA ARG A 139 2.65 18.68 -8.51
CA ARG A 139 2.68 18.66 -8.49
C ARG A 139 2.16 17.30 -8.93
N ARG A 140 2.25 16.33 -8.03
CA ARG A 140 1.92 14.94 -8.34
C ARG A 140 0.41 14.80 -8.58
N SER A 141 0.05 13.87 -9.45
CA SER A 141 -1.36 13.61 -9.76
C SER A 141 -2.06 13.09 -8.50
N PRO A 142 -3.38 13.38 -8.35
CA PRO A 142 -4.11 12.85 -7.19
C PRO A 142 -4.24 11.32 -7.18
N ASP A 143 -3.99 10.69 -8.34
CA ASP A 143 -4.08 9.24 -8.48
C ASP A 143 -2.82 8.49 -8.04
N LYS A 144 -1.74 9.22 -7.70
CA LYS A 144 -0.56 8.53 -7.16
C LYS A 144 -0.91 7.77 -5.90
N SER A 145 -0.40 6.55 -5.84
CA SER A 145 -0.50 5.70 -4.69
C SER A 145 0.21 6.33 -3.48
N VAL A 146 1.39 6.91 -3.73
CA VAL A 146 2.25 7.52 -2.71
C VAL A 146 2.26 9.04 -2.91
N ALA A 147 2.07 9.79 -1.83
CA ALA A 147 2.17 11.26 -1.88
C ALA A 147 1.30 11.92 -3.00
N PRO A 148 0.01 11.52 -3.13
CA PRO A 148 -0.79 12.14 -4.19
C PRO A 148 -0.95 13.63 -3.92
N GLY A 149 -0.89 14.45 -4.96
CA GLY A 149 -1.04 15.90 -4.84
C GLY A 149 0.15 16.65 -4.23
N LYS A 150 1.21 15.92 -3.83
CA LYS A 150 2.37 16.57 -3.22
C LYS A 150 3.33 17.16 -4.26
N LEU A 151 4.16 18.08 -3.80
CA LEU A 151 5.13 18.71 -4.66
C LEU A 151 6.36 17.79 -4.82
N ASP A 152 7.05 17.95 -5.94
CA ASP A 152 8.02 16.96 -6.45
C ASP A 152 9.09 17.66 -7.24
N ASN A 153 10.19 16.94 -7.51
CA ASN A 153 11.13 17.39 -8.54
C ASN A 153 10.43 17.49 -9.91
N VAL A 155 11.42 16.15 -12.58
CA VAL A 155 11.45 14.76 -13.08
C VAL A 155 12.01 13.87 -11.97
N ALA A 156 11.34 12.77 -11.66
CA ALA A 156 11.85 11.78 -10.68
C ALA A 156 11.19 10.46 -10.96
N GLY A 157 11.90 9.36 -10.77
CA GLY A 157 11.24 8.06 -10.84
C GLY A 157 12.10 6.95 -10.27
N GLY A 158 11.44 5.84 -9.92
CA GLY A 158 12.16 4.64 -9.56
C GLY A 158 13.00 4.09 -10.72
N GLN A 159 14.02 3.32 -10.36
CA GLN A 159 14.98 2.79 -11.32
C GLN A 159 14.64 1.33 -11.65
N PRO A 160 14.26 1.07 -12.90
CA PRO A 160 14.03 -0.32 -13.27
C PRO A 160 15.35 -1.08 -13.43
N ALA A 161 15.29 -2.40 -13.23
CA ALA A 161 16.41 -3.30 -13.35
C ALA A 161 17.11 -3.20 -14.71
N ASP A 162 16.34 -2.90 -15.77
CA ASP A 162 16.87 -3.14 -17.11
C ASP A 162 17.47 -1.90 -17.77
N LEU A 163 17.53 -0.79 -17.03
CA LEU A 163 18.06 0.48 -17.56
C LEU A 163 19.24 0.99 -16.73
N SER A 164 20.14 1.73 -17.38
CA SER A 164 21.13 2.59 -16.70
C SER A 164 20.39 3.78 -16.05
N LEU A 165 21.08 4.50 -15.17
CA LEU A 165 20.49 5.68 -14.53
C LEU A 165 20.22 6.74 -15.59
N ARG A 166 21.18 6.91 -16.50
CA ARG A 166 21.06 7.93 -17.54
C ARG A 166 19.88 7.60 -18.48
N GLN A 167 19.73 6.33 -18.80
CA GLN A 167 18.65 5.88 -19.70
C GLN A 167 17.29 6.12 -19.05
N ASN A 168 17.19 5.75 -17.78
CA ASN A 168 15.96 5.97 -17.04
C ASN A 168 15.68 7.47 -16.90
N LEU A 169 16.71 8.26 -16.57
CA LEU A 169 16.53 9.72 -16.54
C LEU A 169 15.96 10.24 -17.88
N ILE A 170 16.49 9.77 -19.00
CA ILE A 170 16.03 10.23 -20.34
C ILE A 170 14.56 9.88 -20.58
N LYS A 171 14.21 8.65 -20.27
CA LYS A 171 12.85 8.17 -20.41
C LYS A 171 11.88 8.94 -19.50
N GLU A 172 12.27 9.15 -18.26
CA GLU A 172 11.41 9.89 -17.32
C GLU A 172 11.24 11.34 -17.73
N CYS A 173 12.30 11.93 -18.28
CA CYS A 173 12.29 13.32 -18.73
C CYS A 173 11.26 13.55 -19.82
N ALA A 174 11.21 12.61 -20.79
CA ALA A 174 10.23 12.65 -21.88
C ALA A 174 8.82 12.35 -21.36
N GLU A 175 8.66 11.28 -20.58
CA GLU A 175 7.33 10.86 -20.17
C GLU A 175 6.68 11.83 -19.17
N GLU A 176 7.49 12.36 -18.25
CA GLU A 176 6.90 13.12 -17.14
C GLU A 176 6.81 14.59 -17.43
N ALA A 177 7.72 15.11 -18.24
CA ALA A 177 7.85 16.55 -18.36
C ALA A 177 7.99 17.02 -19.80
N ASP A 178 7.93 16.09 -20.75
CA ASP A 178 8.08 16.45 -22.16
C ASP A 178 9.42 17.14 -22.40
N LEU A 179 10.47 16.64 -21.75
CA LEU A 179 11.80 17.20 -21.89
C LEU A 179 12.57 16.24 -22.82
N PRO A 180 12.94 16.73 -24.02
CA PRO A 180 13.52 15.90 -25.07
C PRO A 180 14.92 15.41 -24.73
N GLU A 181 15.32 14.33 -25.41
CA GLU A 181 16.58 13.65 -25.17
C GLU A 181 17.81 14.54 -25.23
N ALA A 182 17.86 15.46 -26.20
CA ALA A 182 19.02 16.35 -26.36
C ALA A 182 19.26 17.20 -25.12
N LEU A 183 18.19 17.72 -24.53
CA LEU A 183 18.28 18.44 -23.26
C LEU A 183 18.52 17.52 -22.06
N ALA A 184 17.73 16.44 -21.93
CA ALA A 184 17.93 15.45 -20.84
C ALA A 184 19.37 14.94 -20.73
N ARG A 185 20.05 14.77 -21.87
CA ARG A 185 21.45 14.34 -21.88
C ARG A 185 22.44 15.39 -21.34
N GLN A 186 22.04 16.66 -21.32
CA GLN A 186 22.87 17.70 -20.73
C GLN A 186 22.85 17.71 -19.20
N ALA A 187 21.90 17.01 -18.60
CA ALA A 187 21.81 16.91 -17.12
C ALA A 187 23.07 16.29 -16.57
N ILE A 188 23.61 16.88 -15.51
CA ILE A 188 24.85 16.33 -14.95
C ILE A 188 24.60 15.65 -13.62
N PRO A 189 25.26 14.51 -13.38
CA PRO A 189 25.08 13.89 -12.07
C PRO A 189 25.77 14.73 -11.00
N VAL A 190 25.17 14.84 -9.83
CA VAL A 190 25.67 15.74 -8.79
C VAL A 190 25.82 15.11 -7.41
N GLY A 191 25.52 13.81 -7.33
CA GLY A 191 25.69 13.13 -6.05
C GLY A 191 24.51 12.21 -5.83
N ALA A 192 24.33 11.81 -4.58
CA ALA A 192 23.24 10.91 -4.22
C ALA A 192 22.81 11.15 -2.78
N ILE A 193 21.57 10.79 -2.49
CA ILE A 193 21.10 10.73 -1.10
C ILE A 193 20.75 9.31 -0.71
N THR A 194 21.08 8.91 0.51
CA THR A 194 20.69 7.59 1.01
CA THR A 194 20.64 7.60 1.01
C THR A 194 19.94 7.75 2.36
N TYR A 195 18.85 7.01 2.52
CA TYR A 195 18.14 7.03 3.82
C TYR A 195 17.62 5.64 4.08
N CYS A 196 17.16 5.42 5.31
CA CYS A 196 16.52 4.15 5.62
C CYS A 196 15.38 4.38 6.59
N GLU A 198 11.29 3.07 8.06
CA GLU A 198 10.19 2.13 8.12
C GLU A 198 9.01 2.78 7.39
N SER A 199 8.42 2.04 6.46
CA SER A 199 7.32 2.53 5.66
C SER A 199 6.08 1.69 6.02
N PRO A 200 4.88 2.04 5.50
CA PRO A 200 3.67 1.26 5.84
C PRO A 200 3.78 -0.26 5.65
N ALA A 201 4.47 -0.69 4.60
CA ALA A 201 4.51 -2.13 4.27
C ALA A 201 5.87 -2.79 4.55
N GLY A 202 6.85 -2.01 4.99
CA GLY A 202 8.14 -2.59 5.33
C GLY A 202 9.22 -1.57 5.63
N ILE A 203 10.35 -1.74 4.96
CA ILE A 203 11.60 -1.01 5.19
CA ILE A 203 11.53 -0.92 5.20
C ILE A 203 12.05 -0.46 3.85
N LYS A 204 12.45 0.81 3.82
CA LYS A 204 12.86 1.47 2.59
C LYS A 204 14.29 2.05 2.75
N PRO A 205 15.32 1.25 2.39
CA PRO A 205 16.72 1.70 2.39
C PRO A 205 16.99 2.20 0.99
N ASP A 206 16.70 3.46 0.76
CA ASP A 206 16.68 4.01 -0.61
C ASP A 206 17.88 4.87 -0.93
N THR A 207 18.28 4.82 -2.20
CA THR A 207 19.30 5.71 -2.76
C THR A 207 18.73 6.50 -3.90
N LEU A 208 18.83 7.83 -3.82
CA LEU A 208 18.36 8.73 -4.88
C LEU A 208 19.56 9.32 -5.57
N PHE A 209 19.75 8.98 -6.85
CA PHE A 209 20.79 9.58 -7.65
C PHE A 209 20.30 10.93 -8.17
N LEU A 210 21.13 11.94 -7.97
CA LEU A 210 20.68 13.31 -8.20
C LEU A 210 21.34 13.90 -9.43
N TYR A 211 20.57 14.68 -10.16
CA TYR A 211 21.03 15.34 -11.40
C TYR A 211 20.57 16.80 -11.40
N ASP A 212 21.40 17.68 -11.98
CA ASP A 212 21.06 19.09 -12.15
C ASP A 212 21.02 19.37 -13.65
N LEU A 213 20.04 20.17 -14.05
CA LEU A 213 19.98 20.70 -15.41
C LEU A 213 19.56 22.18 -15.45
N ALA A 214 20.46 23.02 -16.01
CA ALA A 214 20.17 24.43 -16.30
C ALA A 214 19.35 24.47 -17.58
N LEU A 215 18.09 24.85 -17.46
CA LEU A 215 17.16 24.80 -18.60
C LEU A 215 17.12 26.13 -19.37
N PRO A 216 16.75 26.09 -20.66
CA PRO A 216 16.53 27.35 -21.39
C PRO A 216 15.37 28.14 -20.79
N GLU A 217 15.47 29.46 -20.83
CA GLU A 217 14.40 30.38 -20.36
C GLU A 217 13.04 30.06 -20.98
N ASP A 218 13.05 29.59 -22.22
CA ASP A 218 11.81 29.32 -22.96
C ASP A 218 11.29 27.88 -22.86
N PHE A 219 12.02 26.98 -22.17
CA PHE A 219 11.46 25.64 -21.92
C PHE A 219 10.26 25.68 -20.94
N ARG A 220 9.23 24.89 -21.25
CA ARG A 220 8.10 24.70 -20.34
C ARG A 220 7.84 23.21 -20.23
N PRO A 221 7.88 22.65 -19.01
CA PRO A 221 7.50 21.24 -18.89
C PRO A 221 6.00 20.97 -19.16
N HIS A 222 5.68 19.86 -19.82
CA HIS A 222 4.29 19.42 -19.95
C HIS A 222 4.13 18.00 -19.49
N ASN A 223 3.00 17.73 -18.83
CA ASN A 223 2.74 16.47 -18.15
C ASN A 223 2.26 15.32 -19.06
N THR A 224 3.07 14.99 -20.06
CA THR A 224 2.74 13.98 -21.09
C THR A 224 2.04 12.70 -20.58
N ASP A 225 2.61 12.03 -19.58
CA ASP A 225 1.98 10.79 -19.09
C ASP A 225 1.00 10.97 -17.92
N GLY A 226 0.78 12.22 -17.50
CA GLY A 226 -0.19 12.54 -16.44
C GLY A 226 0.16 12.12 -15.02
N GLU A 227 1.40 11.64 -14.82
CA GLU A 227 1.92 11.35 -13.49
C GLU A 227 2.01 12.64 -12.65
N ALA A 229 0.25 16.40 -12.14
CA ALA A 229 -0.93 17.22 -12.39
C ALA A 229 -0.60 18.51 -13.14
N ASP A 230 0.50 19.16 -12.75
CA ASP A 230 0.99 20.38 -13.40
CA ASP A 230 0.94 20.44 -13.32
C ASP A 230 2.39 20.69 -12.89
N PHE A 231 2.96 21.78 -13.40
CA PHE A 231 4.29 22.23 -13.04
C PHE A 231 4.26 23.72 -12.68
N LEU A 233 7.02 27.22 -11.73
CA LEU A 233 8.37 27.75 -11.66
C LEU A 233 8.45 28.68 -10.45
N TRP A 234 9.25 28.31 -9.45
CA TRP A 234 9.32 29.08 -8.20
C TRP A 234 10.73 29.58 -7.97
N PRO A 235 10.91 30.75 -7.30
CA PRO A 235 12.25 31.14 -6.92
C PRO A 235 12.83 30.05 -6.03
N ALA A 236 14.12 29.77 -6.19
CA ALA A 236 14.76 28.69 -5.43
C ALA A 236 14.53 28.87 -3.93
N ALA A 237 14.66 30.10 -3.42
CA ALA A 237 14.46 30.37 -1.98
C ALA A 237 13.07 29.99 -1.47
N LYS A 238 12.05 30.17 -2.30
CA LYS A 238 10.68 29.78 -1.96
C LYS A 238 10.55 28.24 -1.81
N VAL A 239 11.27 27.50 -2.65
CA VAL A 239 11.28 26.02 -2.57
C VAL A 239 11.96 25.59 -1.26
N VAL A 240 13.11 26.19 -1.02
CA VAL A 240 13.90 25.85 0.17
C VAL A 240 13.08 26.16 1.43
N GLU A 241 12.44 27.34 1.48
CA GLU A 241 11.62 27.68 2.67
C GLU A 241 10.36 26.84 2.81
N ALA A 242 9.76 26.45 1.68
CA ALA A 242 8.65 25.48 1.73
C ALA A 242 9.07 24.14 2.39
N VAL A 243 10.27 23.64 2.07
CA VAL A 243 10.76 22.42 2.69
C VAL A 243 11.10 22.69 4.17
N ARG A 244 11.69 23.85 4.48
CA ARG A 244 12.08 24.12 5.88
C ARG A 244 10.87 24.10 6.80
N THR A 245 9.76 24.69 6.34
CA THR A 245 8.68 24.98 7.25
C THR A 245 7.33 24.32 6.98
N THR A 246 7.22 23.53 5.91
CA THR A 246 5.94 22.91 5.55
C THR A 246 6.13 21.43 5.19
N GLU A 247 5.01 20.73 4.96
CA GLU A 247 5.07 19.36 4.47
C GLU A 247 4.51 19.29 3.05
N ALA A 248 4.71 20.36 2.27
CA ALA A 248 4.16 20.45 0.92
C ALA A 248 4.80 19.41 -0.02
N PHE A 249 6.08 19.08 0.21
CA PHE A 249 6.83 18.21 -0.70
C PHE A 249 6.70 16.73 -0.33
N LYS A 250 6.74 15.87 -1.34
CA LYS A 250 6.82 14.42 -1.09
C LYS A 250 7.98 14.14 -0.16
N PHE A 251 7.82 13.18 0.75
CA PHE A 251 8.74 12.99 1.90
C PHE A 251 10.24 13.01 1.56
N ASN A 252 10.63 12.27 0.53
CA ASN A 252 12.04 12.15 0.22
C ASN A 252 12.54 13.24 -0.70
N VAL A 253 11.61 13.90 -1.38
CA VAL A 253 11.96 15.09 -2.18
C VAL A 253 12.48 16.25 -1.30
N ASN A 254 11.97 16.36 -0.07
CA ASN A 254 12.56 17.28 0.95
C ASN A 254 14.09 17.13 1.01
N LEU A 255 14.55 15.88 1.04
CA LEU A 255 16.00 15.60 1.05
C LEU A 255 16.73 16.14 -0.18
N THR A 256 16.18 15.93 -1.39
CA THR A 256 16.80 16.47 -2.62
C THR A 256 16.84 18.00 -2.61
N VAL A 257 15.82 18.65 -2.03
CA VAL A 257 15.85 20.11 -1.93
C VAL A 257 16.96 20.61 -0.97
N ILE A 258 17.07 19.97 0.17
CA ILE A 258 18.13 20.28 1.15
C ILE A 258 19.52 20.11 0.51
N ASP A 259 19.71 19.01 -0.21
CA ASP A 259 20.95 18.74 -0.94
C ASP A 259 21.25 19.82 -1.96
N PHE A 260 20.22 20.18 -2.73
CA PHE A 260 20.36 21.27 -3.70
C PHE A 260 20.77 22.57 -3.03
N ALA A 261 20.12 22.90 -1.92
CA ALA A 261 20.48 24.12 -1.15
C ALA A 261 21.95 24.12 -0.70
N ILE A 262 22.43 22.97 -0.23
CA ILE A 262 23.83 22.82 0.19
C ILE A 262 24.78 23.00 -0.99
N ARG A 263 24.51 22.33 -2.11
CA ARG A 263 25.41 22.36 -3.25
C ARG A 263 25.42 23.73 -3.97
N HIS A 264 24.31 24.45 -3.88
CA HIS A 264 24.19 25.75 -4.57
C HIS A 264 24.39 26.94 -3.63
N GLY A 265 24.89 26.66 -2.42
CA GLY A 265 25.30 27.69 -1.47
C GLY A 265 24.12 28.47 -0.86
N LEU A 266 22.95 27.84 -0.83
CA LEU A 266 21.73 28.53 -0.36
C LEU A 266 21.65 28.48 1.16
N ILE A 267 22.29 27.45 1.74
CA ILE A 267 22.51 27.43 3.19
C ILE A 267 24.02 27.41 3.49
N ASP A 268 24.42 27.92 4.66
CA ASP A 268 25.81 28.30 4.93
C ASP A 268 26.16 27.79 6.32
N PRO A 269 27.25 27.01 6.44
CA PRO A 269 27.62 26.41 7.72
C PRO A 269 27.94 27.42 8.82
N ASP A 270 28.17 28.67 8.46
CA ASP A 270 28.38 29.69 9.45
C ASP A 270 27.11 30.05 10.25
N ASN A 271 25.94 29.71 9.72
CA ASN A 271 24.72 30.09 10.38
C ASN A 271 23.51 29.16 10.31
N GLU A 272 23.58 28.15 9.48
CA GLU A 272 22.52 27.18 9.46
C GLU A 272 22.60 26.15 10.60
N PRO A 273 21.61 26.15 11.48
CA PRO A 273 21.61 25.19 12.61
C PRO A 273 21.73 23.72 12.17
N ASP A 274 22.49 22.93 12.93
CA ASP A 274 22.63 21.49 12.70
C ASP A 274 23.19 21.07 11.33
N TYR A 275 24.02 21.93 10.74
CA TYR A 275 24.55 21.72 9.39
C TYR A 275 25.18 20.32 9.26
N GLN A 276 26.09 19.98 10.17
CA GLN A 276 26.79 18.70 10.10
C GLN A 276 25.86 17.51 10.25
N GLU A 277 24.89 17.60 11.17
CA GLU A 277 23.91 16.50 11.37
C GLU A 277 22.98 16.29 10.16
N ILE A 278 22.56 17.39 9.52
CA ILE A 278 21.80 17.34 8.25
C ILE A 278 22.60 16.62 7.15
N LEU A 279 23.87 17.00 6.96
CA LEU A 279 24.73 16.36 5.98
C LEU A 279 24.91 14.88 6.27
N ALA A 280 25.13 14.55 7.54
CA ALA A 280 25.31 13.16 7.95
C ALA A 280 24.09 12.33 7.60
N GLY A 281 22.91 12.87 7.87
CA GLY A 281 21.69 12.14 7.63
C GLY A 281 21.33 11.99 6.16
N LEU A 282 21.88 12.83 5.28
CA LEU A 282 21.65 12.71 3.84
C LEU A 282 22.44 11.54 3.24
N ARG A 283 23.39 11.01 4.00
CA ARG A 283 24.08 9.76 3.64
C ARG A 283 23.70 8.61 4.56
N GLY A 284 22.49 8.65 5.14
CA GLY A 284 22.06 7.73 6.21
C GLY A 284 21.84 6.26 5.86
N ARG A 285 22.35 5.36 6.71
CA ARG A 285 22.16 3.90 6.52
C ARG A 285 21.62 3.25 7.80
N LEU B 3 -7.99 -30.63 -2.49
CA LEU B 3 -8.55 -31.29 -1.27
C LEU B 3 -9.59 -30.44 -0.52
N SER B 4 -9.11 -29.57 0.37
CA SER B 4 -9.94 -28.87 1.34
C SER B 4 -9.87 -27.35 1.16
N PHE B 5 -10.95 -26.71 1.59
CA PHE B 5 -11.12 -25.26 1.62
C PHE B 5 -10.53 -24.63 2.88
N LEU B 6 -10.06 -25.48 3.79
CA LEU B 6 -9.58 -25.03 5.08
C LEU B 6 -8.41 -24.04 4.98
N LYS B 7 -7.47 -24.29 4.06
CA LYS B 7 -6.32 -23.42 3.94
CA LYS B 7 -6.30 -23.42 3.87
C LYS B 7 -6.73 -21.98 3.59
N HIS B 8 -7.72 -21.81 2.70
CA HIS B 8 -8.18 -20.45 2.38
C HIS B 8 -8.73 -19.77 3.63
N VAL B 9 -9.46 -20.54 4.43
CA VAL B 9 -10.07 -19.99 5.64
C VAL B 9 -8.99 -19.62 6.67
N GLN B 10 -8.00 -20.50 6.84
CA GLN B 10 -6.87 -20.25 7.77
C GLN B 10 -6.00 -19.08 7.32
N ASP B 11 -5.80 -18.97 6.01
CA ASP B 11 -5.07 -17.82 5.42
C ASP B 11 -5.65 -16.50 5.88
N CYS B 12 -6.99 -16.40 5.80
CA CYS B 12 -7.70 -15.18 6.20
C CYS B 12 -7.77 -14.93 7.70
N ASN B 13 -7.33 -15.90 8.50
CA ASN B 13 -7.35 -15.78 9.94
C ASN B 13 -5.97 -15.88 10.56
N THR B 14 -4.94 -15.66 9.73
CA THR B 14 -3.56 -15.70 10.18
C THR B 14 -3.13 -14.32 10.65
N HIS B 15 -2.80 -14.21 11.93
CA HIS B 15 -2.32 -12.94 12.47
C HIS B 15 -1.45 -13.20 13.70
N ASP B 16 -0.58 -12.25 13.98
CA ASP B 16 0.32 -12.33 15.15
C ASP B 16 0.26 -10.97 15.81
N LEU B 17 -0.41 -10.90 16.94
CA LEU B 17 -0.63 -9.61 17.61
C LEU B 17 0.52 -9.19 18.53
N SER B 18 1.62 -9.96 18.53
CA SER B 18 2.69 -9.75 19.50
C SER B 18 3.44 -8.43 19.30
N ASN B 19 3.56 -7.99 18.05
CA ASN B 19 4.24 -6.72 17.77
C ASN B 19 3.28 -5.52 17.77
N PHE B 20 2.07 -5.73 18.28
CA PHE B 20 1.03 -4.69 18.28
C PHE B 20 0.57 -4.31 19.69
N VAL B 21 0.06 -3.09 19.84
CA VAL B 21 -0.57 -2.68 21.09
C VAL B 21 -2.04 -2.31 20.84
N ARG B 22 -2.87 -2.50 21.87
CA ARG B 22 -4.28 -2.11 21.80
CA ARG B 22 -4.29 -2.10 21.83
C ARG B 22 -4.44 -0.63 21.49
N PHE B 23 -5.42 -0.33 20.64
CA PHE B 23 -5.87 1.03 20.39
C PHE B 23 -7.26 1.15 21.03
N VAL B 24 -7.34 2.08 21.98
CA VAL B 24 -8.47 2.22 22.93
C VAL B 24 -9.08 3.63 22.90
N ILE B 25 -10.41 3.68 22.84
CA ILE B 25 -11.17 4.93 22.94
C ILE B 25 -12.14 4.76 24.11
N GLU B 26 -12.07 5.67 25.08
CA GLU B 26 -12.96 5.68 26.25
C GLU B 26 -13.19 4.29 26.80
N GLY B 27 -12.10 3.59 27.11
CA GLY B 27 -12.16 2.26 27.70
C GLY B 27 -12.43 1.08 26.77
N ARG B 28 -12.70 1.35 25.50
CA ARG B 28 -13.11 0.31 24.56
C ARG B 28 -12.01 0.08 23.52
N ARG B 29 -11.53 -1.16 23.40
CA ARG B 29 -10.52 -1.50 22.38
C ARG B 29 -11.16 -1.48 20.99
N VAL B 30 -10.68 -0.56 20.16
CA VAL B 30 -11.20 -0.45 18.80
C VAL B 30 -10.16 -0.81 17.73
N GLY B 31 -8.93 -1.08 18.14
CA GLY B 31 -7.92 -1.44 17.14
C GLY B 31 -6.63 -1.97 17.68
N TRP B 32 -5.64 -2.02 16.77
CA TRP B 32 -4.33 -2.61 17.06
C TRP B 32 -3.31 -1.77 16.30
N VAL B 33 -2.28 -1.31 16.99
CA VAL B 33 -1.30 -0.43 16.39
C VAL B 33 0.07 -1.08 16.56
N ARG B 34 0.86 -1.10 15.49
CA ARG B 34 2.19 -1.67 15.59
C ARG B 34 3.04 -0.86 16.61
N LYS B 35 3.88 -1.56 17.37
CA LYS B 35 4.73 -0.87 18.38
C LYS B 35 5.56 0.31 17.87
N ALA B 36 6.17 0.19 16.69
CA ALA B 36 6.98 1.29 16.11
C ALA B 36 6.09 2.48 15.77
N LEU B 37 4.94 2.19 15.17
CA LEU B 37 3.98 3.23 14.86
C LEU B 37 3.49 3.92 16.14
N ALA B 38 3.26 3.15 17.20
CA ALA B 38 2.81 3.68 18.49
C ALA B 38 3.83 4.74 18.99
N GLN B 39 5.12 4.49 18.75
CA GLN B 39 6.18 5.47 19.08
C GLN B 39 6.06 6.76 18.28
N ARG B 40 5.65 6.67 17.02
CA ARG B 40 5.45 7.86 16.19
CA ARG B 40 5.44 7.87 16.19
C ARG B 40 4.23 8.67 16.68
N LEU B 41 3.19 7.95 17.13
CA LEU B 41 1.99 8.59 17.67
C LEU B 41 2.25 9.30 18.99
N LYS B 42 3.17 8.74 19.77
CA LYS B 42 3.58 9.30 21.06
CA LYS B 42 3.58 9.30 21.06
C LYS B 42 4.06 10.76 20.92
N ALA B 43 4.61 11.10 19.78
CA ALA B 43 5.00 12.47 19.50
C ALA B 43 3.85 13.44 19.31
N HIS B 44 2.63 12.95 19.19
CA HIS B 44 1.46 13.79 19.09
C HIS B 44 0.61 13.67 20.37
N GLY B 45 1.18 14.08 21.48
CA GLY B 45 0.61 13.83 22.76
C GLY B 45 -0.63 14.62 23.10
N ARG B 46 -1.00 15.60 22.30
CA ARG B 46 -2.31 16.24 22.44
C ARG B 46 -3.46 15.32 21.95
N VAL B 47 -3.11 14.33 21.12
CA VAL B 47 -4.09 13.41 20.51
C VAL B 47 -3.97 11.99 21.06
N PHE B 48 -2.74 11.50 21.20
CA PHE B 48 -2.51 10.13 21.70
C PHE B 48 -1.77 10.08 23.02
N ASP B 49 -2.23 9.22 23.94
CA ASP B 49 -1.51 8.85 25.15
C ASP B 49 -1.00 7.43 24.93
N VAL B 50 0.32 7.26 24.88
CA VAL B 50 0.89 5.98 24.56
C VAL B 50 1.64 5.41 25.75
N THR B 51 1.32 4.17 26.10
CA THR B 51 2.01 3.45 27.16
C THR B 51 2.57 2.16 26.54
N ARG B 52 3.16 1.30 27.38
CA ARG B 52 3.72 0.02 26.95
C ARG B 52 2.67 -0.93 26.40
N ASP B 53 1.45 -0.83 26.91
CA ASP B 53 0.39 -1.77 26.57
C ASP B 53 -0.74 -1.20 25.71
N ALA B 54 -0.72 0.10 25.45
CA ALA B 54 -1.87 0.73 24.81
C ALA B 54 -1.58 2.05 24.14
N VAL B 55 -2.33 2.31 23.07
CA VAL B 55 -2.47 3.63 22.49
C VAL B 55 -3.88 4.09 22.86
N LEU B 56 -3.96 5.15 23.66
CA LEU B 56 -5.21 5.69 24.15
C LEU B 56 -5.46 7.01 23.46
N LEU B 57 -6.66 7.22 22.92
CA LEU B 57 -7.02 8.54 22.46
C LEU B 57 -7.14 9.46 23.67
N SER B 58 -6.71 10.72 23.50
CA SER B 58 -6.75 11.72 24.56
C SER B 58 -8.16 11.90 25.15
N ALA B 59 -8.23 12.05 26.47
CA ALA B 59 -9.51 12.25 27.15
C ALA B 59 -10.08 13.64 26.90
N SER B 60 -9.25 14.54 26.40
CA SER B 60 -9.67 15.87 25.92
C SER B 60 -10.49 15.85 24.63
N LEU B 61 -10.51 14.69 23.95
CA LEU B 61 -11.36 14.49 22.76
C LEU B 61 -12.49 13.54 23.16
N ARG B 62 -13.66 14.11 23.38
CA ARG B 62 -14.76 13.36 23.97
C ARG B 62 -16.06 13.42 23.15
N THR B 63 -16.01 13.98 21.93
CA THR B 63 -17.05 13.74 20.93
C THR B 63 -16.47 12.96 19.73
N PRO B 64 -17.30 12.14 19.04
CA PRO B 64 -16.85 11.60 17.75
C PRO B 64 -16.21 12.63 16.81
N GLN B 65 -16.85 13.78 16.63
CA GLN B 65 -16.40 14.81 15.69
CA GLN B 65 -16.36 14.77 15.66
C GLN B 65 -15.00 15.36 15.99
N SER B 66 -14.72 15.57 17.28
CA SER B 66 -13.45 16.17 17.68
C SER B 66 -12.33 15.11 17.56
N ARG B 67 -12.66 13.85 17.83
CA ARG B 67 -11.75 12.71 17.64
C ARG B 67 -11.39 12.52 16.17
N THR B 68 -12.42 12.43 15.33
CA THR B 68 -12.25 12.43 13.88
C THR B 68 -11.28 13.52 13.40
N ARG B 69 -11.54 14.78 13.75
CA ARG B 69 -10.71 15.89 13.28
C ARG B 69 -9.26 15.83 13.79
N ALA B 70 -9.08 15.54 15.08
CA ALA B 70 -7.75 15.51 15.68
C ALA B 70 -6.90 14.39 15.08
N VAL B 71 -7.50 13.21 15.00
CA VAL B 71 -6.82 12.07 14.37
C VAL B 71 -6.52 12.32 12.89
N ALA B 72 -7.47 12.90 12.15
CA ALA B 72 -7.25 13.16 10.73
C ALA B 72 -6.04 14.06 10.52
N ASP B 73 -5.89 15.07 11.39
CA ASP B 73 -4.72 15.96 11.26
C ASP B 73 -3.39 15.25 11.53
N VAL B 74 -3.33 14.44 12.57
CA VAL B 74 -2.17 13.60 12.84
C VAL B 74 -1.90 12.62 11.67
N VAL B 75 -2.95 11.97 11.16
CA VAL B 75 -2.83 11.06 10.00
C VAL B 75 -2.24 11.75 8.78
N ASP B 76 -2.70 12.98 8.52
CA ASP B 76 -2.24 13.72 7.35
C ASP B 76 -0.75 13.97 7.46
N ARG B 77 -0.32 14.33 8.67
CA ARG B 77 1.09 14.59 8.99
C ARG B 77 1.91 13.32 8.84
N LEU B 78 1.43 12.21 9.37
CA LEU B 78 2.13 10.93 9.29
C LEU B 78 2.28 10.45 7.85
N ALA B 79 1.25 10.66 7.02
CA ALA B 79 1.31 10.30 5.60
C ALA B 79 2.31 11.22 4.88
N ASP B 80 2.26 12.52 5.21
CA ASP B 80 3.26 13.46 4.68
C ASP B 80 4.72 12.96 4.93
N GLU B 81 4.96 12.39 6.12
CA GLU B 81 6.27 11.91 6.55
C GLU B 81 6.65 10.51 6.06
N GLY B 82 5.72 9.84 5.38
CA GLY B 82 5.95 8.56 4.73
C GLY B 82 5.67 7.40 5.64
N VAL B 83 5.00 7.67 6.77
CA VAL B 83 4.86 6.71 7.87
C VAL B 83 3.62 5.80 7.69
N VAL B 84 2.53 6.39 7.20
CA VAL B 84 1.25 5.66 7.03
C VAL B 84 0.75 5.93 5.63
N PRO B 85 -0.17 5.09 5.10
CA PRO B 85 -0.73 5.39 3.77
C PRO B 85 -1.46 6.73 3.65
N ALA B 86 -1.46 7.32 2.46
CA ALA B 86 -2.15 8.60 2.26
C ALA B 86 -3.67 8.46 2.29
N PRO B 87 -4.36 9.28 3.11
CA PRO B 87 -5.84 9.34 3.05
C PRO B 87 -6.35 9.59 1.63
N ARG B 88 -7.41 8.88 1.23
CA ARG B 88 -7.98 9.07 -0.10
CA ARG B 88 -7.97 9.08 -0.10
C ARG B 88 -9.38 9.66 -0.09
N GLY B 89 -9.92 9.90 1.09
CA GLY B 89 -11.20 10.63 1.23
C GLY B 89 -12.47 9.85 1.58
N GLU B 90 -12.41 8.52 1.54
CA GLU B 90 -13.53 7.70 1.98
C GLU B 90 -13.45 7.38 3.49
N LEU B 91 -14.39 7.89 4.27
CA LEU B 91 -14.38 7.65 5.73
C LEU B 91 -15.10 6.38 6.16
N TYR B 92 -14.50 5.66 7.11
CA TYR B 92 -15.10 4.46 7.69
C TYR B 92 -15.50 4.77 9.11
N ARG B 93 -16.54 4.09 9.59
CA ARG B 93 -16.92 4.21 11.00
C ARG B 93 -15.99 3.39 11.90
N VAL B 94 -15.71 3.93 13.08
CA VAL B 94 -14.91 3.23 14.10
C VAL B 94 -15.82 2.84 15.27
N ASN B 95 -15.99 1.53 15.45
CA ASN B 95 -16.82 0.98 16.51
C ASN B 95 -16.28 -0.37 16.97
N GLN B 96 -16.91 -0.95 17.98
CA GLN B 96 -16.50 -2.27 18.48
C GLN B 96 -17.17 -3.43 17.77
N SER B 97 -18.36 -3.19 17.22
CA SER B 97 -18.99 -4.13 16.29
C SER B 97 -20.12 -3.38 15.58
N TRP B 98 -20.67 -4.03 14.57
CA TRP B 98 -21.69 -3.41 13.71
C TRP B 98 -22.89 -3.06 14.58
N GLY B 99 -23.39 -1.83 14.44
CA GLY B 99 -24.57 -1.46 15.24
C GLY B 99 -24.29 -0.87 16.60
N GLU B 100 -23.07 -1.04 17.12
CA GLU B 100 -22.62 -0.33 18.30
C GLU B 100 -22.32 1.13 17.89
N PRO B 101 -22.24 2.06 18.87
CA PRO B 101 -22.12 3.46 18.44
C PRO B 101 -20.80 3.77 17.74
N THR B 102 -20.89 4.61 16.70
CA THR B 102 -19.71 5.13 16.01
C THR B 102 -18.97 6.08 16.93
N LEU B 103 -17.72 5.73 17.26
CA LEU B 103 -16.92 6.48 18.22
C LEU B 103 -16.13 7.60 17.57
N LEU B 105 -14.70 8.71 13.09
CA LEU B 105 -14.49 8.29 11.72
C LEU B 105 -13.00 8.30 11.37
N LEU B 106 -12.60 7.41 10.47
CA LEU B 106 -11.21 7.28 10.09
C LEU B 106 -11.13 7.00 8.60
N ASP B 107 -10.17 7.60 7.90
CA ASP B 107 -10.05 7.38 6.46
C ASP B 107 -9.72 5.91 6.17
N ARG B 108 -10.47 5.33 5.23
CA ARG B 108 -10.30 3.93 4.81
C ARG B 108 -8.83 3.52 4.58
N ALA B 109 -8.01 4.43 4.07
CA ALA B 109 -6.61 4.14 3.70
C ALA B 109 -5.74 3.80 4.90
N VAL B 110 -6.15 4.27 6.09
CA VAL B 110 -5.43 3.97 7.31
C VAL B 110 -6.17 3.08 8.29
N VAL B 111 -7.29 2.51 7.85
CA VAL B 111 -8.02 1.60 8.71
C VAL B 111 -7.16 0.37 9.12
N PRO B 112 -6.54 -0.37 8.16
CA PRO B 112 -5.61 -1.42 8.65
C PRO B 112 -4.41 -0.95 9.49
N THR B 113 -3.93 0.27 9.23
CA THR B 113 -2.85 0.90 9.98
C THR B 113 -3.21 1.01 11.50
N PHE B 114 -4.49 1.24 11.79
CA PHE B 114 -4.98 1.29 13.18
C PHE B 114 -5.67 -0.01 13.62
N GLY B 115 -5.70 -1.00 12.74
CA GLY B 115 -6.25 -2.33 13.07
C GLY B 115 -7.71 -2.28 13.44
N VAL B 116 -8.42 -1.33 12.85
CA VAL B 116 -9.80 -1.04 13.17
C VAL B 116 -10.70 -2.02 12.38
N ARG B 117 -11.82 -2.45 12.97
CA ARG B 117 -12.77 -3.32 12.27
C ARG B 117 -13.33 -2.63 11.04
N ALA B 118 -13.32 -3.32 9.91
CA ALA B 118 -13.89 -2.77 8.67
C ALA B 118 -15.05 -3.63 8.17
N TYR B 119 -15.96 -2.99 7.45
CA TYR B 119 -17.22 -3.65 7.03
C TYR B 119 -17.33 -3.54 5.52
N GLY B 120 -18.04 -4.47 4.90
CA GLY B 120 -18.22 -4.39 3.47
C GLY B 120 -19.43 -5.21 3.10
N VAL B 121 -19.86 -5.06 1.85
CA VAL B 121 -21.02 -5.78 1.33
C VAL B 121 -20.59 -6.56 0.11
N HIS B 122 -21.00 -7.81 0.06
CA HIS B 122 -20.70 -8.67 -1.08
C HIS B 122 -21.96 -9.31 -1.59
N LEU B 123 -22.15 -9.23 -2.91
CA LEU B 123 -23.32 -9.83 -3.57
C LEU B 123 -22.99 -11.04 -4.43
N ASN B 124 -23.75 -12.11 -4.21
CA ASN B 124 -23.71 -13.31 -5.05
C ASN B 124 -24.84 -13.20 -6.07
N GLY B 125 -24.49 -12.87 -7.31
CA GLY B 125 -25.45 -12.70 -8.39
C GLY B 125 -25.49 -14.00 -9.18
N TYR B 126 -26.66 -14.63 -9.24
CA TYR B 126 -26.73 -15.94 -9.87
C TYR B 126 -27.98 -16.10 -10.73
N VAL B 127 -27.98 -17.10 -11.61
CA VAL B 127 -29.18 -17.51 -12.35
C VAL B 127 -29.40 -19.03 -12.16
N GLY B 128 -30.62 -19.49 -12.40
CA GLY B 128 -30.91 -20.92 -12.29
C GLY B 128 -31.15 -21.41 -10.88
N ALA B 129 -31.19 -22.73 -10.72
CA ALA B 129 -31.59 -23.33 -9.44
C ALA B 129 -31.00 -24.72 -9.22
N GLY B 130 -30.95 -25.11 -7.96
CA GLY B 130 -30.61 -26.47 -7.56
C GLY B 130 -29.23 -26.91 -7.98
N ALA B 131 -29.20 -27.85 -8.92
CA ALA B 131 -27.96 -28.40 -9.42
C ALA B 131 -27.51 -27.60 -10.65
N ASP B 132 -28.25 -26.56 -10.97
CA ASP B 132 -28.05 -25.83 -12.23
C ASP B 132 -27.82 -24.32 -11.99
N LEU B 133 -27.22 -24.00 -10.84
CA LEU B 133 -26.92 -22.61 -10.51
C LEU B 133 -25.72 -22.13 -11.34
N HIS B 134 -25.80 -20.90 -11.83
CA HIS B 134 -24.67 -20.22 -12.52
C HIS B 134 -24.41 -18.87 -11.85
N LEU B 135 -23.16 -18.60 -11.52
CA LEU B 135 -22.78 -17.37 -10.84
CA LEU B 135 -22.76 -17.38 -10.83
C LEU B 135 -22.07 -16.40 -11.77
N TRP B 136 -22.44 -15.12 -11.68
CA TRP B 136 -21.69 -14.05 -12.35
C TRP B 136 -20.44 -13.76 -11.50
N ILE B 137 -19.27 -13.87 -12.12
CA ILE B 137 -17.98 -13.62 -11.47
C ILE B 137 -17.39 -12.39 -12.14
N GLY B 138 -16.89 -11.43 -11.37
CA GLY B 138 -16.21 -10.30 -11.96
C GLY B 138 -14.71 -10.55 -12.02
N ARG B 139 -14.04 -9.93 -12.99
CA ARG B 139 -12.56 -9.88 -12.98
CA ARG B 139 -12.58 -9.90 -13.05
C ARG B 139 -12.16 -8.46 -12.73
N ARG B 140 -11.40 -8.27 -11.66
CA ARG B 140 -11.01 -6.96 -11.20
C ARG B 140 -10.10 -6.28 -12.21
N SER B 141 -10.22 -4.96 -12.29
CA SER B 141 -9.32 -4.13 -13.10
C SER B 141 -7.82 -4.36 -12.75
N PRO B 142 -6.94 -4.28 -13.76
CA PRO B 142 -5.49 -4.29 -13.49
C PRO B 142 -5.04 -3.10 -12.64
N ASP B 143 -5.88 -2.06 -12.61
CA ASP B 143 -5.62 -0.85 -11.84
C ASP B 143 -5.98 -0.93 -10.36
N LYS B 144 -6.69 -1.96 -9.93
CA LYS B 144 -7.01 -2.12 -8.51
C LYS B 144 -5.72 -2.24 -7.71
N SER B 145 -5.62 -1.52 -6.59
CA SER B 145 -4.42 -1.61 -5.77
C SER B 145 -4.34 -2.98 -5.10
N VAL B 146 -5.50 -3.53 -4.72
CA VAL B 146 -5.61 -4.84 -4.06
C VAL B 146 -6.15 -5.85 -5.07
N ALA B 147 -5.49 -7.01 -5.17
CA ALA B 147 -5.89 -8.10 -6.06
C ALA B 147 -6.23 -7.67 -7.48
N PRO B 148 -5.33 -6.90 -8.14
CA PRO B 148 -5.64 -6.57 -9.54
C PRO B 148 -5.75 -7.82 -10.40
N GLY B 149 -6.72 -7.82 -11.32
CA GLY B 149 -6.90 -8.95 -12.23
C GLY B 149 -7.49 -10.20 -11.60
N LYS B 150 -7.75 -10.19 -10.30
CA LYS B 150 -8.25 -11.40 -9.62
C LYS B 150 -9.77 -11.55 -9.75
N LEU B 151 -10.28 -12.75 -9.49
CA LEU B 151 -11.71 -13.01 -9.63
C LEU B 151 -12.45 -12.52 -8.37
N ASP B 152 -13.69 -12.07 -8.57
CA ASP B 152 -14.42 -11.32 -7.53
C ASP B 152 -15.90 -11.71 -7.58
N ASN B 153 -16.67 -11.29 -6.58
CA ASN B 153 -18.13 -11.38 -6.66
C ASN B 153 -18.59 -10.45 -7.78
N VAL B 155 -20.68 -8.08 -7.43
CA VAL B 155 -20.61 -6.78 -6.75
C VAL B 155 -20.04 -6.92 -5.35
N ALA B 156 -19.11 -6.06 -4.98
CA ALA B 156 -18.56 -6.09 -3.61
C ALA B 156 -17.93 -4.74 -3.35
N GLY B 157 -18.03 -4.24 -2.12
CA GLY B 157 -17.35 -2.99 -1.81
C GLY B 157 -17.24 -2.77 -0.32
N GLY B 158 -16.28 -1.95 0.08
CA GLY B 158 -16.20 -1.50 1.45
C GLY B 158 -17.38 -0.62 1.81
N GLN B 159 -17.64 -0.56 3.11
CA GLN B 159 -18.78 0.18 3.65
C GLN B 159 -18.40 1.57 4.14
N PRO B 160 -18.88 2.62 3.45
CA PRO B 160 -18.61 3.96 4.00
C PRO B 160 -19.44 4.25 5.25
N ALA B 161 -18.91 5.14 6.08
CA ALA B 161 -19.55 5.56 7.32
C ALA B 161 -20.96 6.11 7.15
N ASP B 162 -21.22 6.74 6.01
CA ASP B 162 -22.43 7.55 5.84
C ASP B 162 -23.60 6.84 5.14
N LEU B 163 -23.46 5.55 4.84
CA LEU B 163 -24.51 4.79 4.16
C LEU B 163 -24.95 3.61 5.01
N SER B 164 -26.22 3.21 4.89
CA SER B 164 -26.63 1.88 5.38
C SER B 164 -26.04 0.79 4.45
N LEU B 165 -26.18 -0.47 4.84
CA LEU B 165 -25.64 -1.59 4.06
C LEU B 165 -26.39 -1.64 2.76
N ARG B 166 -27.72 -1.50 2.86
CA ARG B 166 -28.58 -1.56 1.67
C ARG B 166 -28.27 -0.40 0.69
N GLN B 167 -28.07 0.82 1.21
CA GLN B 167 -27.78 1.98 0.36
C GLN B 167 -26.48 1.80 -0.36
N ASN B 168 -25.49 1.27 0.36
CA ASN B 168 -24.17 1.00 -0.23
C ASN B 168 -24.26 -0.09 -1.28
N LEU B 169 -25.03 -1.15 -0.98
CA LEU B 169 -25.26 -2.24 -1.92
C LEU B 169 -25.85 -1.67 -3.23
N ILE B 170 -26.87 -0.82 -3.11
CA ILE B 170 -27.54 -0.25 -4.30
C ILE B 170 -26.52 0.54 -5.15
N LYS B 171 -25.72 1.34 -4.45
CA LYS B 171 -24.70 2.17 -5.09
C LYS B 171 -23.62 1.33 -5.76
N GLU B 172 -23.05 0.37 -5.02
CA GLU B 172 -22.04 -0.52 -5.63
C GLU B 172 -22.58 -1.31 -6.82
N CYS B 173 -23.83 -1.77 -6.71
CA CYS B 173 -24.48 -2.51 -7.80
C CYS B 173 -24.55 -1.67 -9.07
N ALA B 174 -24.90 -0.40 -8.90
CA ALA B 174 -25.04 0.53 -10.04
C ALA B 174 -23.66 0.79 -10.66
N GLU B 175 -22.68 1.10 -9.80
CA GLU B 175 -21.36 1.55 -10.26
C GLU B 175 -20.54 0.41 -10.87
N GLU B 176 -20.53 -0.73 -10.19
CA GLU B 176 -19.66 -1.83 -10.60
C GLU B 176 -20.23 -2.69 -11.72
N ALA B 177 -21.54 -2.86 -11.75
CA ALA B 177 -22.15 -3.90 -12.58
C ALA B 177 -23.33 -3.41 -13.41
N ASP B 178 -23.63 -2.12 -13.30
CA ASP B 178 -24.78 -1.53 -14.02
C ASP B 178 -26.07 -2.29 -13.68
N LEU B 179 -26.21 -2.68 -12.41
CA LEU B 179 -27.40 -3.37 -11.97
C LEU B 179 -28.46 -2.33 -11.53
N PRO B 180 -29.67 -2.42 -12.10
CA PRO B 180 -30.78 -1.51 -11.73
C PRO B 180 -31.10 -1.57 -10.24
N GLU B 181 -31.47 -0.42 -9.69
CA GLU B 181 -31.85 -0.35 -8.28
C GLU B 181 -33.00 -1.31 -7.96
N ALA B 182 -33.94 -1.49 -8.90
CA ALA B 182 -35.05 -2.45 -8.72
C ALA B 182 -34.56 -3.85 -8.39
N LEU B 183 -33.49 -4.27 -9.07
CA LEU B 183 -32.88 -5.56 -8.78
C LEU B 183 -32.01 -5.57 -7.53
N ALA B 184 -31.15 -4.54 -7.34
CA ALA B 184 -30.39 -4.47 -6.08
C ALA B 184 -31.30 -4.56 -4.84
N ARG B 185 -32.48 -3.94 -4.92
CA ARG B 185 -33.45 -4.00 -3.82
C ARG B 185 -34.08 -5.40 -3.59
N GLN B 186 -34.02 -6.27 -4.59
CA GLN B 186 -34.53 -7.65 -4.48
C GLN B 186 -33.51 -8.61 -3.79
N ALA B 187 -32.26 -8.16 -3.66
CA ALA B 187 -31.22 -9.01 -3.06
C ALA B 187 -31.58 -9.26 -1.61
N ILE B 188 -31.39 -10.48 -1.16
CA ILE B 188 -31.67 -10.80 0.25
C ILE B 188 -30.39 -10.93 1.06
N PRO B 189 -30.39 -10.40 2.29
CA PRO B 189 -29.25 -10.62 3.19
C PRO B 189 -29.24 -12.11 3.59
N VAL B 190 -28.08 -12.73 3.63
CA VAL B 190 -28.03 -14.19 3.89
C VAL B 190 -26.98 -14.54 4.95
N GLY B 191 -26.49 -13.51 5.64
CA GLY B 191 -25.55 -13.72 6.73
C GLY B 191 -24.32 -12.87 6.56
N ALA B 192 -23.23 -13.32 7.18
CA ALA B 192 -22.00 -12.52 7.23
C ALA B 192 -20.81 -13.43 7.43
N ILE B 193 -19.64 -12.95 7.01
CA ILE B 193 -18.36 -13.64 7.27
C ILE B 193 -17.48 -12.71 8.08
N THR B 194 -16.74 -13.22 9.07
CA THR B 194 -15.80 -12.39 9.82
C THR B 194 -14.45 -13.07 9.78
N TYR B 195 -13.37 -12.30 9.56
CA TYR B 195 -12.03 -12.90 9.66
C TYR B 195 -11.09 -11.87 10.27
N CYS B 196 -9.88 -12.30 10.64
CA CYS B 196 -8.90 -11.33 11.13
C CYS B 196 -7.54 -11.77 10.64
N GLU B 198 -3.35 -10.49 9.37
CA GLU B 198 -2.29 -9.51 9.21
C GLU B 198 -2.16 -9.26 7.71
N SER B 199 -2.17 -8.00 7.34
CA SER B 199 -2.13 -7.56 5.96
C SER B 199 -0.80 -6.79 5.77
N PRO B 200 -0.43 -6.41 4.52
CA PRO B 200 0.85 -5.72 4.31
C PRO B 200 1.08 -4.51 5.21
N ALA B 201 0.04 -3.72 5.48
CA ALA B 201 0.21 -2.48 6.24
C ALA B 201 -0.42 -2.50 7.64
N GLY B 202 -0.90 -3.65 8.11
CA GLY B 202 -1.48 -3.68 9.44
C GLY B 202 -2.28 -4.94 9.72
N ILE B 203 -3.45 -4.74 10.33
CA ILE B 203 -4.36 -5.84 10.72
C ILE B 203 -5.76 -5.56 10.10
N LYS B 204 -6.36 -6.60 9.55
CA LYS B 204 -7.69 -6.51 8.95
C LYS B 204 -8.69 -7.45 9.66
N PRO B 205 -9.40 -6.93 10.68
CA PRO B 205 -10.50 -7.65 11.31
C PRO B 205 -11.79 -7.24 10.57
N ASP B 206 -12.14 -8.00 9.55
CA ASP B 206 -13.16 -7.52 8.62
C ASP B 206 -14.43 -8.33 8.74
N THR B 207 -15.56 -7.69 8.46
CA THR B 207 -16.87 -8.35 8.45
C THR B 207 -17.52 -8.08 7.10
N LEU B 208 -17.89 -9.13 6.38
CA LEU B 208 -18.51 -8.98 5.07
C LEU B 208 -19.97 -9.38 5.21
N PHE B 209 -20.86 -8.43 4.94
CA PHE B 209 -22.30 -8.74 4.94
C PHE B 209 -22.65 -9.26 3.56
N LEU B 210 -23.35 -10.40 3.52
CA LEU B 210 -23.52 -11.18 2.29
C LEU B 210 -24.95 -11.10 1.82
N TYR B 211 -25.11 -11.00 0.50
CA TYR B 211 -26.42 -10.90 -0.13
C TYR B 211 -26.51 -11.91 -1.29
N ASP B 212 -27.70 -12.48 -1.50
CA ASP B 212 -27.97 -13.34 -2.68
C ASP B 212 -28.95 -12.63 -3.60
N LEU B 213 -28.73 -12.73 -4.90
CA LEU B 213 -29.74 -12.23 -5.86
C LEU B 213 -29.88 -13.20 -7.02
N ALA B 214 -31.07 -13.78 -7.16
CA ALA B 214 -31.44 -14.49 -8.39
C ALA B 214 -31.80 -13.49 -9.47
N LEU B 215 -31.07 -13.55 -10.56
CA LEU B 215 -31.16 -12.55 -11.63
C LEU B 215 -32.03 -13.05 -12.79
N PRO B 216 -32.58 -12.10 -13.59
CA PRO B 216 -33.17 -12.47 -14.88
C PRO B 216 -32.16 -13.08 -15.83
N GLU B 217 -32.62 -14.03 -16.63
CA GLU B 217 -31.83 -14.72 -17.66
C GLU B 217 -31.18 -13.75 -18.64
N ASP B 218 -31.89 -12.68 -18.98
CA ASP B 218 -31.36 -11.70 -19.92
C ASP B 218 -30.56 -10.56 -19.29
N PHE B 219 -30.35 -10.59 -17.97
CA PHE B 219 -29.45 -9.59 -17.37
C PHE B 219 -27.97 -9.89 -17.67
N ARG B 220 -27.25 -8.87 -18.07
CA ARG B 220 -25.80 -8.95 -18.26
CA ARG B 220 -25.81 -8.91 -18.17
C ARG B 220 -25.13 -7.81 -17.44
N PRO B 221 -24.27 -8.14 -16.49
CA PRO B 221 -23.57 -7.04 -15.80
C PRO B 221 -22.62 -6.29 -16.75
N HIS B 222 -22.48 -5.00 -16.57
CA HIS B 222 -21.63 -4.13 -17.40
CA HIS B 222 -21.57 -4.18 -17.36
C HIS B 222 -20.75 -3.33 -16.47
N ASN B 223 -19.49 -3.20 -16.80
CA ASN B 223 -18.53 -2.56 -15.90
C ASN B 223 -18.52 -1.03 -15.94
N THR B 224 -19.59 -0.41 -15.44
CA THR B 224 -19.75 1.05 -15.53
C THR B 224 -18.57 1.91 -15.08
N ASP B 225 -18.12 1.75 -13.84
CA ASP B 225 -17.06 2.60 -13.33
C ASP B 225 -15.64 2.07 -13.54
N GLY B 226 -15.53 0.97 -14.29
CA GLY B 226 -14.22 0.39 -14.66
C GLY B 226 -13.46 -0.34 -13.56
N GLU B 227 -14.07 -0.50 -12.38
CA GLU B 227 -13.46 -1.24 -11.27
C GLU B 227 -13.32 -2.72 -11.64
N ALA B 229 -12.87 -5.36 -14.90
CA ALA B 229 -12.40 -5.39 -16.27
C ALA B 229 -13.44 -6.10 -17.12
N ASP B 230 -14.10 -7.09 -16.53
CA ASP B 230 -15.10 -7.88 -17.23
CA ASP B 230 -14.96 -8.02 -17.26
C ASP B 230 -15.85 -8.78 -16.27
N PHE B 231 -16.86 -9.48 -16.79
CA PHE B 231 -17.71 -10.42 -16.07
C PHE B 231 -17.86 -11.72 -16.84
N LEU B 233 -20.16 -15.67 -16.70
CA LEU B 233 -21.21 -16.45 -16.07
C LEU B 233 -20.75 -17.93 -16.01
N TRP B 234 -20.51 -18.46 -14.81
CA TRP B 234 -19.90 -19.79 -14.69
C TRP B 234 -20.83 -20.74 -13.94
N PRO B 235 -20.77 -22.04 -14.26
CA PRO B 235 -21.54 -23.02 -13.47
C PRO B 235 -21.04 -22.94 -12.03
N ALA B 236 -21.94 -23.08 -11.05
CA ALA B 236 -21.55 -23.00 -9.63
C ALA B 236 -20.43 -24.00 -9.27
N ALA B 237 -20.51 -25.23 -9.82
CA ALA B 237 -19.48 -26.24 -9.59
C ALA B 237 -18.10 -25.80 -10.04
N LYS B 238 -18.02 -25.06 -11.15
CA LYS B 238 -16.74 -24.50 -11.60
C LYS B 238 -16.20 -23.49 -10.59
N VAL B 239 -17.07 -22.60 -10.11
CA VAL B 239 -16.65 -21.60 -9.12
C VAL B 239 -16.12 -22.30 -7.87
N VAL B 240 -16.89 -23.24 -7.37
CA VAL B 240 -16.54 -23.98 -6.15
C VAL B 240 -15.22 -24.74 -6.30
N GLU B 241 -15.07 -25.44 -7.42
CA GLU B 241 -13.85 -26.19 -7.67
C GLU B 241 -12.65 -25.31 -7.93
N ALA B 242 -12.85 -24.16 -8.59
CA ALA B 242 -11.77 -23.18 -8.76
C ALA B 242 -11.23 -22.70 -7.42
N VAL B 243 -12.14 -22.41 -6.48
CA VAL B 243 -11.69 -21.99 -5.15
C VAL B 243 -10.98 -23.14 -4.45
N ARG B 244 -11.49 -24.35 -4.62
CA ARG B 244 -10.82 -25.49 -4.01
C ARG B 244 -9.37 -25.72 -4.51
N THR B 245 -9.12 -25.48 -5.80
CA THR B 245 -7.92 -25.96 -6.47
C THR B 245 -6.97 -24.86 -6.97
N THR B 246 -7.41 -23.59 -6.89
CA THR B 246 -6.60 -22.46 -7.39
C THR B 246 -6.62 -21.31 -6.40
N GLU B 247 -5.78 -20.32 -6.71
CA GLU B 247 -5.78 -19.06 -5.96
C GLU B 247 -6.15 -17.92 -6.94
N ALA B 248 -7.10 -18.20 -7.83
CA ALA B 248 -7.64 -17.25 -8.82
C ALA B 248 -8.49 -16.14 -8.21
N PHE B 249 -9.16 -16.43 -7.08
CA PHE B 249 -10.06 -15.43 -6.46
C PHE B 249 -9.34 -14.55 -5.47
N LYS B 250 -9.80 -13.30 -5.38
CA LYS B 250 -9.40 -12.35 -4.33
C LYS B 250 -9.51 -13.07 -2.96
N PHE B 251 -8.55 -12.83 -2.08
CA PHE B 251 -8.38 -13.63 -0.85
C PHE B 251 -9.70 -13.82 -0.08
N ASN B 252 -10.43 -12.74 0.20
CA ASN B 252 -11.66 -12.90 0.96
C ASN B 252 -12.87 -13.36 0.15
N VAL B 253 -12.79 -13.23 -1.17
CA VAL B 253 -13.86 -13.81 -2.04
C VAL B 253 -13.89 -15.32 -1.97
N ASN B 254 -12.73 -15.94 -1.74
CA ASN B 254 -12.72 -17.39 -1.44
C ASN B 254 -13.72 -17.74 -0.34
N LEU B 255 -13.77 -16.94 0.72
CA LEU B 255 -14.68 -17.20 1.85
C LEU B 255 -16.15 -17.05 1.45
N THR B 256 -16.46 -16.02 0.65
CA THR B 256 -17.83 -15.82 0.18
C THR B 256 -18.29 -16.98 -0.70
N VAL B 257 -17.40 -17.51 -1.54
CA VAL B 257 -17.72 -18.71 -2.35
C VAL B 257 -17.99 -19.90 -1.46
N ILE B 258 -17.12 -20.12 -0.49
CA ILE B 258 -17.34 -21.27 0.44
C ILE B 258 -18.71 -21.14 1.17
N ASP B 259 -19.00 -19.93 1.64
CA ASP B 259 -20.27 -19.68 2.31
C ASP B 259 -21.46 -19.92 1.39
N PHE B 260 -21.37 -19.40 0.15
CA PHE B 260 -22.41 -19.69 -0.86
C PHE B 260 -22.61 -21.21 -1.09
N ALA B 261 -21.51 -21.94 -1.26
CA ALA B 261 -21.54 -23.38 -1.44
C ALA B 261 -22.22 -24.12 -0.26
N ILE B 262 -21.88 -23.73 0.95
CA ILE B 262 -22.55 -24.28 2.17
C ILE B 262 -24.04 -24.00 2.13
N ARG B 263 -24.43 -22.75 1.86
CA ARG B 263 -25.84 -22.37 1.99
C ARG B 263 -26.66 -22.97 0.86
N HIS B 264 -26.00 -23.24 -0.27
CA HIS B 264 -26.72 -23.81 -1.42
C HIS B 264 -26.48 -25.30 -1.63
N GLY B 265 -25.99 -25.99 -0.60
CA GLY B 265 -25.84 -27.45 -0.63
C GLY B 265 -24.82 -27.98 -1.62
N LEU B 266 -23.82 -27.16 -1.98
CA LEU B 266 -22.83 -27.60 -2.97
C LEU B 266 -21.64 -28.21 -2.27
N ILE B 267 -21.63 -28.04 -0.95
CA ILE B 267 -20.69 -28.63 0.00
C ILE B 267 -21.59 -29.47 0.92
N ASP B 268 -21.24 -30.73 1.18
CA ASP B 268 -22.07 -31.68 1.96
C ASP B 268 -21.27 -32.16 3.17
N PRO B 269 -21.87 -32.06 4.39
CA PRO B 269 -21.13 -32.46 5.59
C PRO B 269 -20.76 -33.94 5.66
N ASP B 270 -21.45 -34.80 4.90
CA ASP B 270 -21.06 -36.22 4.83
C ASP B 270 -19.74 -36.49 4.13
N ASN B 271 -19.27 -35.57 3.31
CA ASN B 271 -17.98 -35.81 2.64
C ASN B 271 -16.98 -34.67 2.55
N GLU B 272 -17.37 -33.49 3.01
CA GLU B 272 -16.48 -32.36 2.89
C GLU B 272 -15.42 -32.43 3.95
N PRO B 273 -14.13 -32.44 3.52
CA PRO B 273 -13.03 -32.39 4.47
C PRO B 273 -13.19 -31.12 5.30
N ASP B 274 -13.09 -31.26 6.63
CA ASP B 274 -12.94 -30.14 7.55
C ASP B 274 -14.17 -29.24 7.67
N TYR B 275 -15.37 -29.78 7.43
CA TYR B 275 -16.64 -29.00 7.44
C TYR B 275 -16.78 -28.10 8.66
N GLN B 276 -16.56 -28.64 9.85
CA GLN B 276 -16.82 -27.88 11.06
C GLN B 276 -15.79 -26.79 11.27
N GLU B 277 -14.53 -27.09 10.98
CA GLU B 277 -13.46 -26.12 11.15
C GLU B 277 -13.62 -24.96 10.13
N ILE B 278 -14.07 -25.27 8.91
CA ILE B 278 -14.38 -24.25 7.91
C ILE B 278 -15.47 -23.29 8.39
N LEU B 279 -16.58 -23.84 8.87
CA LEU B 279 -17.69 -23.03 9.39
CA LEU B 279 -17.68 -23.01 9.36
C LEU B 279 -17.24 -22.15 10.56
N ALA B 280 -16.47 -22.73 11.49
CA ALA B 280 -15.93 -21.97 12.63
C ALA B 280 -15.10 -20.77 12.17
N GLY B 281 -14.24 -21.01 11.18
CA GLY B 281 -13.33 -19.96 10.69
C GLY B 281 -14.01 -18.90 9.86
N LEU B 282 -15.20 -19.18 9.32
CA LEU B 282 -15.94 -18.13 8.56
C LEU B 282 -16.60 -17.12 9.53
N ARG B 283 -16.58 -17.45 10.82
CA ARG B 283 -17.14 -16.64 11.87
C ARG B 283 -16.01 -15.97 12.66
N GLY B 284 -14.77 -16.28 12.31
CA GLY B 284 -13.59 -15.61 12.85
C GLY B 284 -13.23 -16.04 14.26
#